data_6BKD
#
_entry.id   6BKD
#
_cell.length_a   37.318
_cell.length_b   60.392
_cell.length_c   148.082
_cell.angle_alpha   90.00
_cell.angle_beta   88.00
_cell.angle_gamma   90.00
#
_symmetry.space_group_name_H-M   'P 1 21 1'
#
loop_
_entity.id
_entity.type
_entity.pdbx_description
1 polymer Polyprotein
2 polymer 'Fab AR3D heavy chain'
3 polymer 'Fab AR3D light chain'
4 branched 2-acetamido-2-deoxy-beta-D-glucopyranose-(1-4)-2-acetamido-2-deoxy-beta-D-glucopyranose
#
loop_
_entity_poly.entity_id
_entity_poly.type
_entity_poly.pdbx_seq_one_letter_code
_entity_poly.pdbx_strand_id
1 'polypeptide(L)'
;QLINTNGSWHINRTALNCNDSLQTGFITSLFYAKNVDSSGCPERMAACGSSGCWHYAPRPCDVVSARTVCGPVYCFTPSP
VVVGTTDKLGIPTYNWGENETDVFMLESLRPPTGGWFGCTWMNSTGFTKTCGAPPGGPTDGGSGPWITPRCLVDYPYRLW
HYPCTVNFTLHKVRMFVGGIEHRFDAACN
;
E
2 'polypeptide(L)'
;LLEQSGAEVKKPGSSVKVSCKASGDTFRSYVITWARQAPGQGLEWMGAIIPFFGTTNLAQKFQGRVTITADESTKTVYMD
LSSLRSDDTAVYYCAKAGDLSVGGVLAGGVPHLRHFDPWGQGTLVTVSSASTKGPSVFPLAPSSKSTSGGTAALGCLVKD
YFPEPVTVSWNSGALTSGVHTFPAVLQSSGLYSLSSVVTVPSSSLGTQTYICNVNHKPSNTKVDKKVEPKSCGS
;
H
3 'polypeptide(L)'
;ELTQSPGTLSLSPGERATLSCRAGQTVASNSLAWYQHKPGQAPRLLIYGASIRASGIPDRFSGSGSGTDFTLTISRLEPE
DFAVYYCQQYGLSSTFGQGTRLEIKRTVAAPSVFIFPPSDEQLKSGTASVVCLLNNFYPREAKVQWKVDNALQSGNSQES
VTEQDSKDSTYSLSSTLTLSKADYEKHKVYACEVTHQGLSSPVTKSFNRGEC
;
L
#
loop_
_chem_comp.id
_chem_comp.type
_chem_comp.name
_chem_comp.formula
NAG D-saccharide, beta linking 2-acetamido-2-deoxy-beta-D-glucopyranose 'C8 H15 N O6'
#
# COMPACT_ATOMS: atom_id res chain seq x y z
N HIS A 10 -18.02 20.34 -17.49
CA HIS A 10 -17.91 20.67 -18.90
C HIS A 10 -16.58 20.16 -19.44
N ILE A 11 -15.60 20.02 -18.56
CA ILE A 11 -14.34 19.37 -18.93
C ILE A 11 -14.50 17.88 -19.16
N ASN A 12 -15.67 17.33 -18.85
CA ASN A 12 -15.95 15.91 -19.06
C ASN A 12 -16.12 15.55 -20.53
N ARG A 13 -16.03 16.52 -21.44
CA ARG A 13 -16.23 16.29 -22.87
C ARG A 13 -14.92 16.22 -23.63
N THR A 14 -13.78 16.29 -22.94
CA THR A 14 -12.48 16.06 -23.56
C THR A 14 -12.25 14.55 -23.64
N ALA A 15 -12.09 14.04 -24.85
CA ALA A 15 -11.77 12.63 -25.03
C ALA A 15 -10.35 12.34 -24.54
N LEU A 16 -10.21 11.37 -23.65
CA LEU A 16 -8.93 10.96 -23.09
C LEU A 16 -8.71 9.46 -23.26
N ASN A 17 -8.19 9.09 -24.42
CA ASN A 17 -7.71 7.75 -24.73
C ASN A 17 -6.30 7.97 -25.26
N CYS A 18 -5.28 7.54 -24.51
CA CYS A 18 -3.92 7.82 -24.94
C CYS A 18 -3.07 6.59 -24.63
N ASN A 19 -2.67 5.84 -25.65
CA ASN A 19 -1.89 4.62 -25.47
C ASN A 19 -0.43 4.90 -25.78
N ASP A 20 0.28 5.45 -24.81
CA ASP A 20 1.72 5.70 -24.94
C ASP A 20 2.50 4.51 -24.37
N SER A 21 2.51 3.42 -25.14
CA SER A 21 3.14 2.20 -24.68
C SER A 21 4.65 2.20 -24.91
N LEU A 22 5.19 3.26 -25.53
CA LEU A 22 6.61 3.39 -25.80
C LEU A 22 7.32 4.36 -24.85
N GLN A 23 6.56 5.11 -24.04
CA GLN A 23 7.09 6.04 -23.04
C GLN A 23 7.69 7.28 -23.70
N THR A 24 7.00 7.81 -24.72
CA THR A 24 7.48 9.02 -25.40
C THR A 24 7.24 10.26 -24.55
N GLY A 25 6.12 10.31 -23.81
CA GLY A 25 5.84 11.46 -22.98
C GLY A 25 4.98 12.55 -23.61
N PHE A 26 4.41 12.29 -24.79
CA PHE A 26 3.66 13.32 -25.53
C PHE A 26 2.45 13.87 -24.78
N ILE A 27 2.13 13.34 -23.60
CA ILE A 27 0.98 13.85 -22.83
C ILE A 27 1.37 14.98 -21.89
N THR A 28 2.66 15.35 -21.85
CA THR A 28 3.12 16.40 -20.94
C THR A 28 2.45 17.75 -21.23
N SER A 29 2.19 18.04 -22.50
CA SER A 29 1.68 19.35 -22.88
C SER A 29 0.36 19.67 -22.18
N LEU A 30 -0.54 18.69 -22.05
CA LEU A 30 -1.81 18.95 -21.38
C LEU A 30 -1.61 19.31 -19.92
N PHE A 31 -0.82 18.50 -19.20
CA PHE A 31 -0.63 18.73 -17.77
C PHE A 31 0.27 19.94 -17.50
N TYR A 32 1.40 20.02 -18.20
CA TYR A 32 2.43 21.05 -17.96
C TYR A 32 2.57 21.46 -16.50
N PRO A 58 -4.54 14.01 -46.14
CA PRO A 58 -5.30 14.12 -47.38
C PRO A 58 -6.65 13.43 -47.32
N ARG A 59 -7.18 13.25 -46.10
CA ARG A 59 -8.47 12.61 -45.86
C ARG A 59 -9.54 13.65 -45.57
N PRO A 60 -10.66 13.61 -46.28
CA PRO A 60 -11.69 14.65 -46.08
C PRO A 60 -12.37 14.55 -44.72
N CYS A 61 -12.81 15.71 -44.24
CA CYS A 61 -13.41 15.80 -42.91
C CYS A 61 -14.70 14.99 -42.84
N ASP A 62 -14.98 14.46 -41.66
CA ASP A 62 -15.94 13.38 -41.49
C ASP A 62 -16.16 13.17 -40.00
N VAL A 63 -16.96 12.17 -39.66
CA VAL A 63 -17.07 11.69 -38.29
C VAL A 63 -15.84 10.85 -37.95
N VAL A 64 -15.27 11.10 -36.77
CA VAL A 64 -14.16 10.31 -36.23
C VAL A 64 -14.58 9.75 -34.89
N SER A 65 -14.60 8.43 -34.79
CA SER A 65 -14.93 7.76 -33.53
C SER A 65 -13.90 8.12 -32.45
N ALA A 66 -14.39 8.50 -31.28
CA ALA A 66 -13.52 8.99 -30.21
C ALA A 66 -12.83 7.86 -29.45
N ARG A 67 -13.05 6.60 -29.81
CA ARG A 67 -12.21 5.50 -29.34
C ARG A 67 -10.74 5.67 -29.73
N THR A 68 -10.41 6.70 -30.51
CA THR A 68 -9.06 6.87 -31.05
C THR A 68 -8.55 8.28 -30.85
N VAL A 69 -9.13 9.03 -29.91
CA VAL A 69 -8.78 10.43 -29.69
C VAL A 69 -8.01 10.57 -28.38
N CYS A 70 -6.96 11.38 -28.41
CA CYS A 70 -6.14 11.68 -27.24
C CYS A 70 -6.11 13.19 -27.07
N GLY A 71 -6.95 13.69 -26.16
CA GLY A 71 -7.06 15.11 -25.90
C GLY A 71 -7.99 15.87 -26.82
N PRO A 72 -7.89 17.20 -26.79
CA PRO A 72 -8.82 18.05 -27.54
C PRO A 72 -8.89 17.70 -29.02
N VAL A 73 -10.08 17.89 -29.58
CA VAL A 73 -10.30 17.85 -31.03
C VAL A 73 -10.70 19.25 -31.47
N TYR A 74 -9.78 19.95 -32.12
CA TYR A 74 -10.02 21.30 -32.61
C TYR A 74 -10.39 21.23 -34.08
N CYS A 75 -11.47 21.91 -34.45
CA CYS A 75 -11.75 22.23 -35.84
C CYS A 75 -11.48 23.70 -36.09
N PHE A 76 -11.07 24.00 -37.31
CA PHE A 76 -10.87 25.39 -37.72
C PHE A 76 -11.87 25.64 -38.85
N THR A 77 -12.92 26.36 -38.52
CA THR A 77 -13.92 26.69 -39.53
C THR A 77 -13.20 27.89 -40.18
N PRO A 78 -13.18 29.08 -39.58
CA PRO A 78 -12.29 30.13 -40.07
C PRO A 78 -11.44 30.55 -38.87
N SER A 79 -11.76 29.94 -37.72
CA SER A 79 -11.16 30.26 -36.43
C SER A 79 -11.21 29.00 -35.59
N PRO A 80 -10.47 28.96 -34.48
CA PRO A 80 -10.48 27.74 -33.64
C PRO A 80 -11.77 27.55 -32.87
N VAL A 81 -12.22 26.29 -32.83
CA VAL A 81 -13.36 25.84 -32.04
C VAL A 81 -12.92 24.59 -31.30
N VAL A 82 -13.51 24.38 -30.13
CA VAL A 82 -13.20 23.19 -29.32
C VAL A 82 -14.37 22.23 -29.39
N VAL A 83 -14.31 21.30 -30.36
CA VAL A 83 -15.25 20.19 -30.37
C VAL A 83 -15.04 19.32 -29.13
N GLY A 84 -16.14 18.87 -28.54
CA GLY A 84 -16.11 17.97 -27.41
C GLY A 84 -16.70 16.62 -27.80
N THR A 85 -16.58 15.65 -26.89
CA THR A 85 -17.21 14.37 -27.12
C THR A 85 -18.71 14.55 -27.25
N THR A 86 -19.24 14.23 -28.42
CA THR A 86 -20.68 14.28 -28.67
C THR A 86 -21.24 12.88 -28.88
N ASP A 87 -22.54 12.83 -29.09
CA ASP A 87 -23.27 11.64 -29.49
C ASP A 87 -23.68 11.80 -30.95
N LYS A 88 -24.13 10.72 -31.57
CA LYS A 88 -24.33 10.72 -33.02
C LYS A 88 -25.39 11.73 -33.43
N LEU A 89 -26.42 11.92 -32.61
CA LEU A 89 -27.44 12.93 -32.88
C LEU A 89 -27.04 14.33 -32.41
N GLY A 90 -25.79 14.52 -32.01
CA GLY A 90 -25.28 15.81 -31.59
C GLY A 90 -25.23 16.00 -30.09
N ILE A 91 -25.73 15.05 -29.32
CA ILE A 91 -25.86 15.20 -27.87
C ILE A 91 -24.46 15.27 -27.26
N PRO A 92 -24.17 16.22 -26.38
CA PRO A 92 -22.87 16.22 -25.69
C PRO A 92 -22.87 15.17 -24.58
N THR A 93 -21.89 14.27 -24.64
CA THR A 93 -21.73 13.21 -23.64
C THR A 93 -20.57 13.56 -22.72
N TYR A 94 -20.85 13.59 -21.42
CA TYR A 94 -19.83 13.82 -20.40
C TYR A 94 -19.29 12.48 -19.92
N ASN A 95 -18.46 11.88 -20.78
CA ASN A 95 -17.90 10.57 -20.51
C ASN A 95 -16.40 10.45 -20.77
N TRP A 96 -15.72 11.55 -21.14
CA TRP A 96 -14.34 11.54 -21.61
C TRP A 96 -14.14 10.65 -22.84
N GLY A 97 -15.21 10.34 -23.57
CA GLY A 97 -15.08 9.54 -24.76
C GLY A 97 -14.90 8.06 -24.49
N GLU A 98 -15.59 7.52 -23.48
CA GLU A 98 -15.35 6.15 -23.06
C GLU A 98 -16.08 5.13 -23.94
N ASN A 99 -17.26 5.47 -24.43
CA ASN A 99 -18.12 4.49 -25.06
C ASN A 99 -17.75 4.28 -26.52
N GLU A 100 -18.22 3.16 -27.06
CA GLU A 100 -18.04 2.86 -28.48
C GLU A 100 -18.74 3.88 -29.36
N THR A 101 -19.87 4.43 -28.91
CA THR A 101 -20.66 5.37 -29.69
C THR A 101 -20.55 6.79 -29.15
N ASP A 102 -19.45 7.12 -28.48
CA ASP A 102 -19.04 8.50 -28.32
C ASP A 102 -18.16 8.89 -29.51
N VAL A 103 -18.51 10.00 -30.16
CA VAL A 103 -17.87 10.42 -31.39
C VAL A 103 -17.50 11.90 -31.29
N PHE A 104 -16.70 12.34 -32.24
CA PHE A 104 -16.55 13.76 -32.54
C PHE A 104 -17.25 14.08 -33.84
N MET A 105 -17.67 15.33 -33.98
CA MET A 105 -18.51 15.76 -35.11
C MET A 105 -17.83 16.92 -35.82
N LEU A 106 -17.17 16.63 -36.94
CA LEU A 106 -16.46 17.66 -37.68
C LEU A 106 -17.21 18.10 -38.93
N GLU A 107 -18.04 17.22 -39.50
CA GLU A 107 -19.04 17.65 -40.48
C GLU A 107 -19.86 18.82 -39.96
N SER A 108 -20.37 18.70 -38.74
CA SER A 108 -21.40 19.61 -38.21
C SER A 108 -20.93 21.04 -38.05
N LEU A 109 -19.63 21.32 -38.17
CA LEU A 109 -19.13 22.68 -38.02
C LEU A 109 -18.68 23.29 -39.35
N ARG A 110 -18.73 22.54 -40.44
CA ARG A 110 -18.26 23.07 -41.73
C ARG A 110 -18.98 24.37 -42.07
N PRO A 111 -18.29 25.33 -42.68
CA PRO A 111 -18.96 26.54 -43.14
C PRO A 111 -19.74 26.29 -44.42
N PRO A 112 -20.85 27.00 -44.64
CA PRO A 112 -21.60 26.92 -45.90
C PRO A 112 -21.01 27.81 -46.98
N GLY A 115 -16.99 27.19 -47.95
CA GLY A 115 -15.74 27.80 -47.55
C GLY A 115 -14.59 26.82 -47.45
N TRP A 116 -13.59 27.17 -46.65
CA TRP A 116 -12.45 26.30 -46.38
C TRP A 116 -12.56 25.75 -44.97
N PHE A 117 -12.22 24.47 -44.82
CA PHE A 117 -12.43 23.77 -43.57
C PHE A 117 -11.31 22.77 -43.27
N GLY A 118 -10.89 22.75 -42.01
CA GLY A 118 -9.96 21.75 -41.53
C GLY A 118 -10.05 21.59 -40.03
N CYS A 119 -9.64 20.40 -39.57
CA CYS A 119 -9.62 20.09 -38.15
C CYS A 119 -8.33 19.32 -37.86
N THR A 120 -7.98 19.23 -36.58
CA THR A 120 -6.87 18.39 -36.12
C THR A 120 -7.21 17.79 -34.77
N TRP A 121 -6.41 16.79 -34.39
CA TRP A 121 -6.39 16.27 -33.03
C TRP A 121 -5.14 15.40 -32.89
N MET A 122 -4.99 14.81 -31.71
CA MET A 122 -3.95 13.82 -31.42
C MET A 122 -4.65 12.49 -31.21
N ASN A 123 -4.47 11.54 -32.13
CA ASN A 123 -5.00 10.22 -31.84
C ASN A 123 -4.21 9.57 -30.69
N SER A 124 -4.70 8.42 -30.24
CA SER A 124 -4.17 7.78 -29.04
C SER A 124 -2.66 7.55 -29.10
N THR A 125 -2.16 7.07 -30.24
CA THR A 125 -0.73 6.78 -30.36
C THR A 125 0.13 8.04 -30.25
N GLY A 126 -0.48 9.22 -30.38
CA GLY A 126 0.26 10.45 -30.35
C GLY A 126 0.61 11.02 -31.71
N PHE A 127 0.14 10.40 -32.79
CA PHE A 127 0.35 10.92 -34.12
C PHE A 127 -0.73 11.96 -34.44
N THR A 128 -0.30 13.14 -34.89
CA THR A 128 -1.24 14.19 -35.24
C THR A 128 -1.97 13.84 -36.54
N LYS A 129 -3.25 14.20 -36.62
CA LYS A 129 -4.07 13.89 -37.77
C LYS A 129 -4.80 15.14 -38.26
N THR A 130 -5.29 15.04 -39.50
CA THR A 130 -5.72 16.18 -40.27
C THR A 130 -6.88 15.77 -41.16
N CYS A 131 -7.80 16.71 -41.39
CA CYS A 131 -8.89 16.51 -42.33
C CYS A 131 -9.16 17.83 -43.04
N GLY A 132 -9.28 17.77 -44.37
CA GLY A 132 -9.51 18.97 -45.14
C GLY A 132 -9.43 18.69 -46.62
N ALA A 133 -9.75 19.72 -47.40
CA ALA A 133 -9.74 19.60 -48.84
C ALA A 133 -8.31 19.49 -49.36
N PRO A 134 -8.10 18.81 -50.49
CA PRO A 134 -6.75 18.71 -51.04
C PRO A 134 -6.30 20.04 -51.62
N PRO A 135 -4.98 20.32 -51.60
CA PRO A 135 -4.44 21.57 -52.14
C PRO A 135 -4.45 21.60 -53.67
N PRO A 138 -0.76 25.23 -53.62
CA PRO A 138 -0.65 26.63 -54.07
C PRO A 138 -1.41 27.59 -53.18
N THR A 139 -2.30 28.39 -53.77
CA THR A 139 -3.10 29.32 -52.97
C THR A 139 -4.03 28.58 -52.03
N ASP A 140 -4.58 27.44 -52.46
CA ASP A 140 -5.53 26.70 -51.66
C ASP A 140 -4.94 26.28 -50.32
N GLY A 141 -5.79 26.28 -49.29
CA GLY A 141 -5.34 25.96 -47.95
C GLY A 141 -4.98 24.50 -47.77
N GLY A 142 -4.24 24.25 -46.68
CA GLY A 142 -3.80 22.92 -46.34
C GLY A 142 -4.91 22.02 -45.85
N SER A 143 -4.54 20.95 -45.12
CA SER A 143 -5.55 19.99 -44.67
C SER A 143 -6.28 20.46 -43.41
N GLY A 144 -5.58 20.54 -42.30
CA GLY A 144 -6.24 20.72 -41.02
C GLY A 144 -6.25 22.12 -40.43
N PRO A 145 -5.08 22.73 -40.28
CA PRO A 145 -5.06 24.10 -39.74
C PRO A 145 -4.32 25.06 -40.63
N TRP A 146 -3.89 24.58 -41.80
CA TRP A 146 -3.08 25.36 -42.72
C TRP A 146 -3.98 26.16 -43.64
N ILE A 147 -4.33 27.39 -43.21
CA ILE A 147 -5.07 28.28 -44.11
C ILE A 147 -4.23 28.56 -45.35
N THR A 148 -2.96 28.83 -45.14
CA THR A 148 -1.90 28.98 -46.12
C THR A 148 -1.09 27.69 -46.17
N PRO A 149 -0.33 27.43 -47.22
CA PRO A 149 0.75 26.43 -47.11
C PRO A 149 1.78 26.77 -46.05
N ARG A 150 1.90 28.03 -45.65
CA ARG A 150 2.91 28.44 -44.68
C ARG A 150 2.35 29.03 -43.39
N CYS A 151 1.03 29.20 -43.26
CA CYS A 151 0.46 29.80 -42.07
C CYS A 151 -0.53 28.86 -41.41
N LEU A 152 -0.61 28.95 -40.08
CA LEU A 152 -1.39 28.04 -39.25
C LEU A 152 -2.21 28.85 -38.26
N VAL A 153 -3.42 28.37 -37.96
CA VAL A 153 -4.32 29.04 -37.03
C VAL A 153 -3.83 28.73 -35.62
N ASP A 154 -3.19 29.69 -34.97
CA ASP A 154 -2.63 29.47 -33.64
C ASP A 154 -3.75 29.21 -32.63
N TYR A 155 -3.60 28.14 -31.85
CA TYR A 155 -4.63 27.73 -30.90
C TYR A 155 -3.99 27.16 -29.63
N PRO A 156 -4.75 26.98 -28.54
CA PRO A 156 -4.14 26.58 -27.26
C PRO A 156 -3.28 25.32 -27.31
N TYR A 157 -3.63 24.33 -28.13
CA TYR A 157 -2.83 23.12 -28.26
C TYR A 157 -2.11 23.02 -29.60
N ARG A 158 -1.82 24.18 -30.21
CA ARG A 158 -1.11 24.18 -31.49
C ARG A 158 0.26 23.54 -31.36
N LEU A 159 1.03 23.96 -30.36
CA LEU A 159 2.40 23.48 -30.22
C LEU A 159 2.43 21.98 -29.91
N TRP A 160 1.50 21.50 -29.08
CA TRP A 160 1.38 20.07 -28.85
C TRP A 160 1.08 19.32 -30.13
N HIS A 161 0.13 19.82 -30.93
CA HIS A 161 -0.26 19.12 -32.14
C HIS A 161 0.80 19.27 -33.23
N TYR A 162 1.44 20.43 -33.28
CA TYR A 162 2.45 20.73 -34.31
C TYR A 162 3.69 21.27 -33.61
N PRO A 163 4.71 20.43 -33.38
CA PRO A 163 5.89 20.90 -32.66
C PRO A 163 6.79 21.78 -33.51
N CYS A 164 6.90 21.48 -34.80
CA CYS A 164 7.83 22.20 -35.67
C CYS A 164 7.49 23.68 -35.82
N THR A 165 6.30 24.10 -35.37
CA THR A 165 5.79 25.45 -35.60
C THR A 165 6.23 26.46 -34.55
N VAL A 166 7.17 26.12 -33.66
CA VAL A 166 7.51 27.01 -32.55
C VAL A 166 8.09 28.32 -33.07
N ASN A 167 9.07 28.23 -33.97
CA ASN A 167 9.77 29.42 -34.46
C ASN A 167 8.88 30.34 -35.29
N PHE A 168 7.66 29.92 -35.61
CA PHE A 168 6.76 30.76 -36.38
C PHE A 168 6.28 31.95 -35.56
N THR A 169 6.40 33.14 -36.11
CA THR A 169 5.90 34.34 -35.44
C THR A 169 4.48 34.65 -35.91
N LEU A 170 3.77 35.46 -35.13
CA LEU A 170 2.33 35.58 -35.23
C LEU A 170 1.91 36.98 -35.63
N HIS A 171 0.90 37.05 -36.50
CA HIS A 171 0.25 38.29 -36.88
C HIS A 171 -1.25 38.15 -36.64
N LYS A 172 -1.92 39.29 -36.51
CA LYS A 172 -3.34 39.31 -36.18
C LYS A 172 -4.15 39.66 -37.43
N VAL A 173 -5.32 39.02 -37.55
CA VAL A 173 -6.11 39.09 -38.77
C VAL A 173 -7.59 39.16 -38.41
N ARG A 174 -8.33 39.97 -39.17
CA ARG A 174 -9.76 40.19 -38.95
C ARG A 174 -10.43 40.30 -40.32
N MET A 175 -11.16 39.27 -40.73
CA MET A 175 -11.70 39.20 -42.08
C MET A 175 -13.10 38.60 -42.08
N PHE A 176 -13.93 39.09 -42.99
CA PHE A 176 -15.23 38.49 -43.28
C PHE A 176 -15.05 37.40 -44.34
N VAL A 177 -15.69 36.25 -44.11
CA VAL A 177 -15.86 35.25 -45.15
C VAL A 177 -17.21 34.57 -45.01
N GLY A 179 -20.10 35.52 -44.40
CA GLY A 179 -21.14 36.34 -43.83
C GLY A 179 -20.86 36.81 -42.42
N ILE A 180 -19.91 36.15 -41.75
CA ILE A 180 -19.65 36.34 -40.33
C ILE A 180 -18.24 36.85 -40.15
N GLU A 181 -18.04 37.69 -39.13
CA GLU A 181 -16.74 38.27 -38.83
C GLU A 181 -16.00 37.37 -37.85
N HIS A 182 -14.84 36.88 -38.25
CA HIS A 182 -13.98 36.09 -37.39
C HIS A 182 -12.76 36.88 -36.94
N ARG A 183 -12.24 36.52 -35.77
CA ARG A 183 -10.94 37.03 -35.29
C ARG A 183 -10.12 35.85 -34.78
N PHE A 184 -9.00 35.56 -35.44
CA PHE A 184 -8.10 34.52 -35.00
C PHE A 184 -6.68 35.01 -35.18
N ASP A 185 -5.70 34.19 -34.79
CA ASP A 185 -4.30 34.53 -34.95
C ASP A 185 -3.65 33.61 -35.98
N ALA A 186 -2.75 34.18 -36.78
CA ALA A 186 -2.00 33.43 -37.78
C ALA A 186 -0.61 33.11 -37.27
N ALA A 187 -0.22 31.84 -37.39
CA ALA A 187 1.16 31.41 -37.15
C ALA A 187 1.76 31.03 -38.50
N CYS A 188 2.71 31.83 -38.98
CA CYS A 188 3.16 31.77 -40.36
C CYS A 188 4.62 31.34 -40.42
N ASN A 189 4.95 30.52 -41.41
CA ASN A 189 6.33 30.14 -41.70
C ASN A 189 7.20 31.36 -41.97
N LEU B 1 9.76 10.49 -3.27
CA LEU B 1 9.52 10.38 -1.84
C LEU B 1 8.05 10.70 -1.59
N LEU B 2 7.37 9.88 -0.82
CA LEU B 2 5.97 10.12 -0.51
C LEU B 2 5.88 10.18 1.02
N GLU B 3 5.53 11.34 1.57
CA GLU B 3 5.24 11.42 3.00
C GLU B 3 3.77 11.11 3.25
N GLN B 4 3.47 10.73 4.49
CA GLN B 4 2.13 10.34 4.90
C GLN B 4 1.74 11.07 6.18
N SER B 5 0.55 10.76 6.69
CA SER B 5 -0.03 11.45 7.83
C SER B 5 0.22 10.66 9.12
N GLY B 6 -0.23 11.22 10.23
CA GLY B 6 -0.07 10.59 11.52
C GLY B 6 -1.09 9.48 11.77
N ALA B 7 -0.71 8.57 12.67
CA ALA B 7 -1.64 7.54 13.11
C ALA B 7 -2.86 8.16 13.76
N GLU B 8 -4.04 7.77 13.29
CA GLU B 8 -5.31 8.32 13.74
C GLU B 8 -6.17 7.23 14.35
N VAL B 9 -6.80 7.53 15.49
CA VAL B 9 -7.73 6.63 16.14
C VAL B 9 -9.12 7.25 16.01
N LYS B 10 -10.04 6.53 15.37
CA LYS B 10 -11.38 7.03 15.14
C LYS B 10 -12.43 6.01 15.55
N LYS B 11 -13.59 6.51 15.96
CA LYS B 11 -14.72 5.65 16.28
C LYS B 11 -15.19 4.94 15.02
N PRO B 12 -15.81 3.76 15.15
CA PRO B 12 -16.22 3.02 13.95
C PRO B 12 -17.18 3.78 13.06
N GLY B 13 -18.11 4.52 13.65
CA GLY B 13 -19.07 5.27 12.85
C GLY B 13 -18.44 6.36 11.99
N SER B 14 -17.48 7.10 12.55
CA SER B 14 -16.92 8.23 11.85
C SER B 14 -15.91 7.81 10.76
N SER B 15 -15.58 8.78 9.90
CA SER B 15 -14.67 8.66 8.78
C SER B 15 -13.23 9.03 9.16
N VAL B 16 -12.28 8.49 8.39
CA VAL B 16 -10.87 8.85 8.51
C VAL B 16 -10.42 9.54 7.22
N LYS B 17 -9.45 10.44 7.34
CA LYS B 17 -8.93 11.20 6.20
C LYS B 17 -7.42 11.36 6.37
N VAL B 18 -6.66 10.56 5.63
CA VAL B 18 -5.20 10.53 5.71
C VAL B 18 -4.60 11.06 4.41
N SER B 19 -3.56 11.88 4.53
CA SER B 19 -2.96 12.57 3.39
C SER B 19 -1.78 11.78 2.84
N CYS B 20 -1.26 12.24 1.69
CA CYS B 20 0.01 11.76 1.16
C CYS B 20 0.77 12.92 0.52
N LYS B 21 1.87 13.33 1.15
CA LYS B 21 2.73 14.36 0.59
C LYS B 21 3.61 13.78 -0.52
N ALA B 22 3.64 14.45 -1.67
CA ALA B 22 4.33 13.97 -2.86
C ALA B 22 5.50 14.89 -3.20
N SER B 23 6.62 14.28 -3.61
CA SER B 23 7.87 15.02 -3.76
C SER B 23 7.95 15.74 -5.11
N GLY B 24 7.83 14.99 -6.21
CA GLY B 24 8.21 15.46 -7.52
C GLY B 24 7.51 16.70 -8.03
N ASP B 25 7.92 17.17 -9.21
CA ASP B 25 7.40 18.42 -9.78
C ASP B 25 6.21 18.20 -10.70
N THR B 26 6.10 17.03 -11.33
CA THR B 26 4.98 16.74 -12.22
C THR B 26 3.80 16.15 -11.44
N PHE B 27 3.29 16.94 -10.49
CA PHE B 27 2.23 16.46 -9.63
C PHE B 27 0.93 16.28 -10.42
N ARG B 28 0.70 17.13 -11.42
CA ARG B 28 -0.55 17.06 -12.18
C ARG B 28 -0.73 15.70 -12.83
N SER B 29 0.37 15.09 -13.29
CA SER B 29 0.32 13.83 -14.02
C SER B 29 0.73 12.64 -13.18
N TYR B 30 0.72 12.76 -11.86
CA TYR B 30 1.02 11.63 -10.99
C TYR B 30 -0.24 10.79 -10.86
N VAL B 31 -0.14 9.47 -11.01
CA VAL B 31 -1.24 8.58 -10.67
C VAL B 31 -0.86 7.86 -9.38
N ILE B 32 -1.69 8.02 -8.35
CA ILE B 32 -1.37 7.62 -7.00
C ILE B 32 -2.39 6.58 -6.55
N THR B 33 -1.91 5.53 -5.88
CA THR B 33 -2.76 4.48 -5.39
C THR B 33 -2.73 4.44 -3.86
N TRP B 34 -3.87 4.10 -3.27
CA TRP B 34 -3.94 3.69 -1.88
C TRP B 34 -4.25 2.19 -1.83
N ALA B 35 -3.63 1.51 -0.87
CA ALA B 35 -3.93 0.11 -0.61
C ALA B 35 -3.43 -0.24 0.78
N ARG B 36 -4.00 -1.30 1.34
CA ARG B 36 -3.81 -1.60 2.75
C ARG B 36 -3.64 -3.10 2.93
N GLN B 37 -3.22 -3.48 4.14
CA GLN B 37 -3.12 -4.88 4.53
C GLN B 37 -3.69 -5.04 5.93
N ALA B 38 -4.39 -6.15 6.14
CA ALA B 38 -5.04 -6.61 7.36
C ALA B 38 -4.03 -7.38 8.21
N PRO B 39 -4.04 -7.17 9.53
CA PRO B 39 -3.08 -7.88 10.40
C PRO B 39 -2.97 -9.38 10.10
N GLY B 40 -4.06 -10.00 9.69
CA GLY B 40 -4.04 -11.40 9.31
C GLY B 40 -3.93 -11.66 7.81
N GLN B 41 -4.74 -10.95 7.02
CA GLN B 41 -4.81 -11.19 5.58
C GLN B 41 -3.71 -10.43 4.83
N GLY B 42 -3.61 -10.74 3.54
CA GLY B 42 -2.64 -10.14 2.64
C GLY B 42 -2.99 -8.75 2.17
N LEU B 43 -2.15 -8.25 1.26
CA LEU B 43 -2.40 -6.97 0.59
C LEU B 43 -3.58 -7.05 -0.37
N GLU B 44 -4.21 -5.90 -0.59
CA GLU B 44 -5.29 -5.76 -1.56
C GLU B 44 -5.31 -4.31 -2.03
N TRP B 45 -5.67 -4.11 -3.30
CA TRP B 45 -5.62 -2.79 -3.94
C TRP B 45 -6.98 -2.12 -3.87
N MET B 46 -7.02 -0.94 -3.27
CA MET B 46 -8.27 -0.17 -3.17
C MET B 46 -8.57 0.62 -4.43
N GLY B 47 -7.69 1.53 -4.82
CA GLY B 47 -7.94 2.34 -6.01
C GLY B 47 -6.81 3.30 -6.27
N ALA B 48 -6.86 3.92 -7.45
CA ALA B 48 -5.89 4.91 -7.89
C ALA B 48 -6.58 6.17 -8.37
N ILE B 49 -5.89 7.31 -8.22
CA ILE B 49 -6.46 8.62 -8.50
C ILE B 49 -5.55 9.42 -9.44
N ILE B 50 -6.15 10.40 -10.13
CA ILE B 50 -5.44 11.31 -10.99
C ILE B 50 -5.78 12.73 -10.53
N PRO B 51 -4.81 13.51 -10.04
CA PRO B 51 -5.13 14.84 -9.49
C PRO B 51 -5.63 15.87 -10.50
N PHE B 52 -4.97 15.96 -11.67
CA PHE B 52 -5.36 16.98 -12.64
C PHE B 52 -6.75 16.72 -13.21
N PHE B 53 -7.05 15.47 -13.55
CA PHE B 53 -8.36 15.16 -14.12
C PHE B 53 -9.38 14.70 -13.07
N GLY B 54 -8.95 14.47 -11.84
CA GLY B 54 -9.86 14.03 -10.79
C GLY B 54 -10.65 12.78 -11.12
N THR B 55 -9.99 11.77 -11.70
CA THR B 55 -10.66 10.54 -12.09
C THR B 55 -10.04 9.36 -11.35
N THR B 56 -10.90 8.56 -10.72
CA THR B 56 -10.51 7.35 -10.03
C THR B 56 -11.38 6.21 -10.52
N ASN B 57 -10.84 4.98 -10.45
CA ASN B 57 -11.66 3.80 -10.55
C ASN B 57 -11.05 2.68 -9.72
N LEU B 58 -11.91 2.00 -8.96
CA LEU B 58 -11.55 1.31 -7.74
C LEU B 58 -11.94 -0.16 -7.87
N ALA B 59 -11.44 -0.98 -6.95
CA ALA B 59 -11.77 -2.39 -6.98
C ALA B 59 -13.28 -2.59 -6.74
N GLN B 60 -13.75 -3.81 -7.00
CA GLN B 60 -15.16 -4.11 -6.82
C GLN B 60 -15.59 -4.07 -5.35
N LYS B 61 -14.63 -4.15 -4.42
CA LYS B 61 -14.97 -4.32 -3.02
C LYS B 61 -15.32 -3.00 -2.35
N PHE B 62 -14.58 -1.93 -2.67
CA PHE B 62 -14.74 -0.64 -2.03
C PHE B 62 -15.32 0.40 -2.99
N GLN B 63 -15.91 -0.04 -4.10
CA GLN B 63 -16.47 0.87 -5.09
C GLN B 63 -17.43 1.89 -4.46
N GLY B 64 -18.28 1.43 -3.53
CA GLY B 64 -19.20 2.34 -2.88
C GLY B 64 -18.74 3.01 -1.60
N ARG B 65 -17.90 2.33 -0.81
CA ARG B 65 -17.65 2.77 0.56
C ARG B 65 -16.58 3.83 0.69
N VAL B 66 -15.66 3.93 -0.27
CA VAL B 66 -14.48 4.77 -0.14
C VAL B 66 -14.51 5.85 -1.21
N THR B 67 -14.04 7.04 -0.86
CA THR B 67 -13.92 8.17 -1.77
C THR B 67 -12.49 8.70 -1.77
N ILE B 68 -11.90 8.82 -2.96
CA ILE B 68 -10.54 9.32 -3.12
C ILE B 68 -10.59 10.68 -3.79
N THR B 69 -9.79 11.61 -3.29
CA THR B 69 -9.74 12.96 -3.84
C THR B 69 -8.30 13.48 -3.70
N ALA B 70 -8.01 14.54 -4.44
CA ALA B 70 -6.67 15.13 -4.41
C ALA B 70 -6.75 16.63 -4.63
N ASP B 71 -5.88 17.35 -3.93
CA ASP B 71 -5.78 18.80 -4.01
C ASP B 71 -4.33 19.14 -4.30
N GLU B 72 -4.08 19.79 -5.44
CA GLU B 72 -2.71 20.04 -5.88
C GLU B 72 -2.15 21.38 -5.42
N SER B 73 -2.97 22.24 -4.79
CA SER B 73 -2.42 23.42 -4.11
C SER B 73 -1.29 23.02 -3.17
N THR B 74 -1.56 22.07 -2.28
CA THR B 74 -0.55 21.42 -1.47
C THR B 74 -0.25 20.08 -2.10
N LYS B 75 1.03 19.72 -2.22
CA LYS B 75 1.37 18.49 -2.93
C LYS B 75 0.98 17.33 -2.04
N THR B 76 -0.32 17.02 -2.04
CA THR B 76 -0.88 15.99 -1.19
C THR B 76 -2.12 15.38 -1.85
N VAL B 77 -2.26 14.06 -1.72
CA VAL B 77 -3.43 13.33 -2.18
C VAL B 77 -4.09 12.72 -0.95
N TYR B 78 -5.41 12.85 -0.86
CA TYR B 78 -6.15 12.50 0.35
C TYR B 78 -6.89 11.18 0.19
N MET B 79 -7.27 10.61 1.32
CA MET B 79 -7.87 9.27 1.36
C MET B 79 -8.91 9.22 2.46
N ASP B 80 -10.15 8.88 2.11
CA ASP B 80 -11.28 9.01 3.01
C ASP B 80 -12.14 7.76 2.91
N LEU B 81 -12.48 7.18 4.07
CA LEU B 81 -13.38 6.04 4.13
C LEU B 81 -14.54 6.35 5.08
N SER B 82 -15.76 6.27 4.56
CA SER B 82 -16.96 6.42 5.37
C SER B 82 -17.32 5.12 6.08
N SER B 83 -17.98 5.25 7.23
CA SER B 83 -18.41 4.16 8.10
C SER B 83 -17.39 3.03 8.20
N LEU B 84 -16.26 3.30 8.85
CA LEU B 84 -15.27 2.26 9.19
C LEU B 84 -15.90 1.09 9.94
N ARG B 85 -15.25 -0.07 9.86
CA ARG B 85 -15.58 -1.23 10.66
C ARG B 85 -14.32 -1.71 11.38
N SER B 86 -14.44 -2.79 12.15
CA SER B 86 -13.24 -3.45 12.63
C SER B 86 -12.53 -4.21 11.51
N ASP B 87 -13.29 -4.61 10.48
CA ASP B 87 -12.68 -5.24 9.32
C ASP B 87 -11.66 -4.33 8.65
N ASP B 88 -11.83 -3.01 8.76
CA ASP B 88 -10.96 -2.05 8.12
C ASP B 88 -9.86 -1.52 9.04
N THR B 89 -9.79 -1.99 10.27
CA THR B 89 -8.68 -1.64 11.15
C THR B 89 -7.42 -2.32 10.61
N ALA B 90 -6.50 -1.54 10.07
CA ALA B 90 -5.38 -2.09 9.31
C ALA B 90 -4.39 -0.97 9.03
N VAL B 91 -3.37 -1.27 8.23
CA VAL B 91 -2.26 -0.38 7.94
C VAL B 91 -2.40 0.10 6.50
N TYR B 92 -2.27 1.41 6.29
CA TYR B 92 -2.64 2.06 5.05
C TYR B 92 -1.42 2.72 4.45
N TYR B 93 -1.02 2.26 3.26
CA TYR B 93 0.17 2.74 2.60
C TYR B 93 -0.19 3.56 1.36
N CYS B 94 0.76 4.36 0.92
CA CYS B 94 0.63 5.24 -0.22
C CYS B 94 1.69 4.88 -1.24
N ALA B 95 1.28 4.68 -2.48
CA ALA B 95 2.22 4.31 -3.53
C ALA B 95 1.97 5.09 -4.80
N LYS B 96 3.05 5.41 -5.50
CA LYS B 96 2.98 6.13 -6.78
C LYS B 96 2.87 5.09 -7.88
N ALA B 97 1.66 4.90 -8.40
CA ALA B 97 1.45 3.89 -9.43
C ALA B 97 2.22 4.24 -10.70
N GLY B 98 2.32 5.52 -11.03
CA GLY B 98 2.91 5.91 -12.29
C GLY B 98 2.81 7.40 -12.49
N ASP B 99 3.50 7.87 -13.51
CA ASP B 99 3.44 9.27 -13.92
C ASP B 99 2.72 9.31 -15.26
N LEU B 100 1.68 10.14 -15.35
CA LEU B 100 0.83 10.16 -16.54
C LEU B 100 1.61 10.60 -17.77
N SER B 101 2.55 11.54 -17.60
CA SER B 101 3.29 12.07 -18.73
C SER B 101 3.98 10.97 -19.51
N VAL B 102 4.65 10.05 -18.82
CA VAL B 102 5.35 8.94 -19.45
C VAL B 102 4.67 7.60 -19.19
N GLY B 103 3.52 7.60 -18.50
CA GLY B 103 2.89 6.34 -18.12
C GLY B 103 2.40 5.53 -19.30
N GLY B 104 1.83 6.19 -20.30
CA GLY B 104 1.20 5.46 -21.39
C GLY B 104 -0.11 4.89 -20.93
N VAL B 105 -0.82 5.65 -20.13
CA VAL B 105 -2.08 5.29 -19.50
C VAL B 105 -3.07 6.39 -19.85
N LEU B 106 -4.15 6.46 -19.08
CA LEU B 106 -5.24 7.43 -19.16
C LEU B 106 -6.19 6.96 -20.26
N ALA B 107 -6.31 5.66 -20.46
CA ALA B 107 -7.21 5.15 -21.50
C ALA B 107 -8.67 5.23 -21.06
N GLY B 108 -9.51 5.74 -21.96
CA GLY B 108 -10.94 5.88 -21.67
C GLY B 108 -11.25 6.58 -20.37
N GLY B 109 -10.51 7.63 -20.05
CA GLY B 109 -10.71 8.37 -18.82
C GLY B 109 -10.15 7.65 -17.61
N VAL B 110 -10.58 6.41 -17.41
CA VAL B 110 -10.12 5.62 -16.26
C VAL B 110 -8.62 5.37 -16.36
N PRO B 111 -7.85 5.57 -15.30
CA PRO B 111 -6.42 5.27 -15.34
C PRO B 111 -6.14 3.80 -15.08
N HIS B 112 -5.17 3.27 -15.82
CA HIS B 112 -4.64 1.94 -15.62
C HIS B 112 -3.51 2.02 -14.60
N LEU B 113 -3.05 0.87 -14.14
CA LEU B 113 -2.04 0.81 -13.10
C LEU B 113 -0.67 0.37 -13.62
N ARG B 114 0.37 0.98 -13.05
CA ARG B 114 1.77 0.67 -13.33
C ARG B 114 2.45 0.36 -11.99
N HIS B 115 3.67 -0.16 -12.07
CA HIS B 115 4.39 -0.54 -10.85
C HIS B 115 4.53 0.65 -9.90
N PHE B 116 4.44 0.38 -8.60
CA PHE B 116 4.57 1.40 -7.57
C PHE B 116 6.00 1.38 -7.03
N ASP B 117 6.87 2.21 -7.60
CA ASP B 117 8.25 2.24 -7.12
C ASP B 117 8.38 2.92 -5.76
N PRO B 118 7.84 4.12 -5.53
CA PRO B 118 7.89 4.68 -4.17
C PRO B 118 6.67 4.32 -3.35
N TRP B 119 6.89 4.10 -2.05
CA TRP B 119 5.85 3.67 -1.12
C TRP B 119 5.87 4.52 0.13
N GLY B 120 4.69 4.98 0.54
CA GLY B 120 4.58 5.78 1.74
C GLY B 120 4.96 5.01 3.01
N GLN B 121 5.24 5.77 4.07
CA GLN B 121 5.61 5.16 5.35
C GLN B 121 4.48 4.31 5.93
N GLY B 122 3.22 4.67 5.66
CA GLY B 122 2.10 3.94 6.21
C GLY B 122 1.43 4.62 7.40
N THR B 123 0.11 4.52 7.47
CA THR B 123 -0.68 5.14 8.53
C THR B 123 -1.60 4.09 9.15
N LEU B 124 -1.30 3.68 10.37
CA LEU B 124 -2.21 2.82 11.13
C LEU B 124 -3.39 3.62 11.64
N VAL B 125 -4.58 3.00 11.62
CA VAL B 125 -5.80 3.62 12.14
C VAL B 125 -6.57 2.60 12.96
N THR B 126 -6.60 2.80 14.29
CA THR B 126 -7.26 1.87 15.19
C THR B 126 -8.74 2.21 15.26
N VAL B 127 -9.59 1.28 14.80
CA VAL B 127 -11.03 1.50 14.73
C VAL B 127 -11.76 0.66 15.77
N SER B 128 -11.94 1.21 16.97
CA SER B 128 -12.65 0.51 18.03
C SER B 128 -13.50 1.50 18.82
N SER B 129 -14.52 0.96 19.50
CA SER B 129 -15.34 1.77 20.39
C SER B 129 -14.60 2.20 21.66
N ALA B 130 -13.82 1.30 22.26
CA ALA B 130 -13.20 1.55 23.55
C ALA B 130 -12.38 2.83 23.55
N SER B 131 -12.42 3.54 24.68
CA SER B 131 -11.81 4.87 24.80
C SER B 131 -10.39 4.78 25.36
N THR B 132 -9.56 5.73 24.92
CA THR B 132 -8.13 5.75 25.18
C THR B 132 -7.82 5.57 26.67
N LYS B 133 -7.00 4.57 26.98
CA LYS B 133 -6.68 4.21 28.36
C LYS B 133 -5.19 3.93 28.48
N GLY B 134 -4.61 4.35 29.61
CA GLY B 134 -3.20 4.17 29.88
C GLY B 134 -2.85 2.75 30.31
N PRO B 135 -1.61 2.34 30.04
CA PRO B 135 -1.22 0.95 30.31
C PRO B 135 -0.75 0.71 31.74
N SER B 136 -1.29 -0.31 32.39
CA SER B 136 -0.78 -0.74 33.69
C SER B 136 0.43 -1.65 33.50
N VAL B 137 1.41 -1.51 34.39
CA VAL B 137 2.73 -2.11 34.21
C VAL B 137 3.06 -2.89 35.48
N PHE B 138 2.97 -4.22 35.41
CA PHE B 138 3.28 -5.07 36.55
C PHE B 138 4.57 -5.86 36.30
N PRO B 139 5.27 -6.26 37.36
CA PRO B 139 6.53 -7.00 37.17
C PRO B 139 6.32 -8.50 37.03
N LEU B 140 7.07 -9.08 36.10
CA LEU B 140 7.19 -10.53 35.97
C LEU B 140 8.57 -10.94 36.49
N ALA B 141 8.64 -11.28 37.77
CA ALA B 141 9.87 -11.67 38.43
C ALA B 141 9.99 -13.18 38.48
N PRO B 142 11.17 -13.71 38.86
CA PRO B 142 11.32 -15.16 38.95
C PRO B 142 11.74 -15.63 40.34
N GLY B 149 23.61 -23.63 36.03
CA GLY B 149 22.65 -24.46 35.34
C GLY B 149 22.02 -23.80 34.14
N GLY B 150 20.72 -23.55 34.22
CA GLY B 150 20.00 -22.88 33.15
C GLY B 150 20.28 -21.39 33.08
N THR B 151 19.34 -20.63 32.51
CA THR B 151 19.37 -19.18 32.55
C THR B 151 18.17 -18.66 33.33
N ALA B 152 18.12 -17.35 33.50
CA ALA B 152 17.02 -16.68 34.19
C ALA B 152 16.08 -16.00 33.21
N ALA B 153 14.87 -15.72 33.66
CA ALA B 153 13.90 -14.97 32.87
C ALA B 153 13.13 -14.01 33.78
N LEU B 154 13.17 -12.73 33.45
CA LEU B 154 12.42 -11.70 34.14
C LEU B 154 11.81 -10.76 33.12
N GLY B 155 10.56 -10.35 33.35
CA GLY B 155 9.80 -9.64 32.35
C GLY B 155 9.10 -8.42 32.92
N CYS B 156 8.50 -7.66 32.01
CA CYS B 156 7.63 -6.54 32.36
C CYS B 156 6.32 -6.75 31.62
N LEU B 157 5.20 -6.68 32.35
CA LEU B 157 3.87 -6.89 31.79
C LEU B 157 3.13 -5.58 31.68
N VAL B 158 2.64 -5.28 30.48
CA VAL B 158 2.04 -3.98 30.17
C VAL B 158 0.60 -4.24 29.72
N LYS B 159 -0.36 -3.82 30.54
CA LYS B 159 -1.74 -4.29 30.44
C LYS B 159 -2.71 -3.14 30.23
N ASP B 160 -3.83 -3.46 29.59
CA ASP B 160 -5.03 -2.61 29.53
C ASP B 160 -4.73 -1.22 28.96
N TYR B 161 -4.29 -1.21 27.70
CA TYR B 161 -4.04 0.03 26.96
C TYR B 161 -4.78 -0.07 25.63
N PHE B 162 -5.72 0.86 25.41
CA PHE B 162 -6.45 0.86 24.14
C PHE B 162 -5.62 1.36 22.95
N PRO B 163 -5.01 2.55 23.06
CA PRO B 163 -4.28 3.02 21.90
C PRO B 163 -2.96 2.32 21.77
N GLU B 164 -2.69 1.71 20.62
CA GLU B 164 -1.43 1.05 20.39
C GLU B 164 -0.74 1.81 19.28
N PRO B 165 0.43 2.40 19.58
CA PRO B 165 1.77 1.83 19.46
C PRO B 165 2.37 1.82 20.84
N VAL B 166 2.97 0.71 21.22
CA VAL B 166 3.58 0.61 22.54
C VAL B 166 5.03 0.18 22.35
N THR B 167 5.95 0.98 22.90
CA THR B 167 7.38 0.72 22.82
C THR B 167 7.94 0.57 24.22
N VAL B 168 8.53 -0.59 24.50
CA VAL B 168 9.10 -0.90 25.80
C VAL B 168 10.63 -0.86 25.68
N SER B 169 11.27 -0.26 26.69
CA SER B 169 12.72 -0.20 26.80
C SER B 169 13.14 -0.74 28.16
N TRP B 170 14.37 -1.23 28.25
CA TRP B 170 14.91 -1.79 29.49
C TRP B 170 16.17 -1.05 29.91
N ASN B 171 16.24 -0.70 31.19
CA ASN B 171 17.46 -0.19 31.82
C ASN B 171 17.95 1.11 31.17
N SER B 172 17.01 2.06 31.02
CA SER B 172 17.30 3.35 30.38
C SER B 172 17.69 3.15 28.92
N GLY B 173 17.04 2.20 28.26
CA GLY B 173 17.44 1.80 26.91
C GLY B 173 18.92 1.54 26.76
N ALA B 174 19.55 0.96 27.78
CA ALA B 174 20.97 0.64 27.74
C ALA B 174 21.24 -0.86 27.74
N LEU B 175 20.22 -1.68 27.50
CA LEU B 175 20.35 -3.13 27.56
C LEU B 175 19.50 -3.74 26.46
N THR B 176 20.15 -4.39 25.50
CA THR B 176 19.53 -4.75 24.24
C THR B 176 19.52 -6.25 23.97
N SER B 177 20.28 -7.04 24.74
CA SER B 177 20.61 -8.40 24.34
C SER B 177 19.61 -9.38 24.95
N GLY B 178 19.01 -10.20 24.10
CA GLY B 178 18.10 -11.23 24.58
C GLY B 178 16.84 -10.70 25.21
N VAL B 179 16.40 -9.51 24.80
CA VAL B 179 15.13 -8.93 25.23
C VAL B 179 14.08 -9.24 24.19
N HIS B 180 12.86 -9.51 24.65
CA HIS B 180 11.73 -9.74 23.76
C HIS B 180 10.53 -8.96 24.28
N THR B 181 9.75 -8.41 23.35
CA THR B 181 8.55 -7.64 23.68
C THR B 181 7.49 -7.98 22.64
N PHE B 182 6.47 -8.71 23.07
CA PHE B 182 5.67 -9.50 22.15
C PHE B 182 4.73 -8.60 21.34
N PRO B 183 4.18 -9.10 20.24
CA PRO B 183 3.04 -8.42 19.62
C PRO B 183 1.88 -8.29 20.59
N ALA B 184 1.17 -7.18 20.48
CA ALA B 184 -0.01 -6.95 21.31
C ALA B 184 -1.06 -8.02 21.05
N VAL B 185 -1.75 -8.41 22.12
CA VAL B 185 -2.94 -9.25 22.04
C VAL B 185 -4.14 -8.39 22.46
N LEU B 186 -5.22 -8.49 21.70
CA LEU B 186 -6.42 -7.72 21.99
C LEU B 186 -7.38 -8.56 22.82
N GLN B 187 -7.62 -8.12 24.05
CA GLN B 187 -8.57 -8.79 24.92
C GLN B 187 -10.00 -8.54 24.42
N SER B 188 -10.90 -9.46 24.79
CA SER B 188 -12.32 -9.29 24.48
C SER B 188 -12.83 -7.92 24.91
N SER B 189 -12.21 -7.31 25.92
CA SER B 189 -12.58 -5.97 26.35
C SER B 189 -12.30 -4.91 25.30
N GLY B 190 -11.39 -5.18 24.36
CA GLY B 190 -10.93 -4.16 23.44
C GLY B 190 -9.74 -3.33 23.88
N LEU B 191 -9.09 -3.71 24.99
CA LEU B 191 -7.81 -3.13 25.37
C LEU B 191 -6.69 -4.13 25.10
N TYR B 192 -5.63 -3.67 24.44
CA TYR B 192 -4.51 -4.53 24.11
C TYR B 192 -3.75 -4.95 25.38
N SER B 193 -2.83 -5.88 25.21
CA SER B 193 -1.92 -6.26 26.27
C SER B 193 -0.71 -6.98 25.68
N LEU B 194 0.43 -6.83 26.34
CA LEU B 194 1.68 -7.43 25.91
C LEU B 194 2.64 -7.45 27.09
N SER B 195 3.67 -8.29 26.98
CA SER B 195 4.68 -8.43 28.03
C SER B 195 6.07 -8.37 27.44
N SER B 196 6.98 -7.71 28.14
CA SER B 196 8.36 -7.54 27.71
C SER B 196 9.26 -8.40 28.59
N VAL B 197 9.65 -9.56 28.10
CA VAL B 197 10.50 -10.49 28.83
C VAL B 197 11.94 -10.33 28.36
N VAL B 198 12.88 -10.77 29.20
CA VAL B 198 14.28 -10.85 28.82
C VAL B 198 14.90 -12.06 29.49
N THR B 199 15.93 -12.61 28.85
CA THR B 199 16.78 -13.65 29.42
C THR B 199 18.11 -13.03 29.84
N VAL B 200 18.50 -13.27 31.08
CA VAL B 200 19.83 -12.87 31.55
C VAL B 200 20.64 -14.13 31.86
N PRO B 201 21.89 -13.99 32.33
CA PRO B 201 22.49 -15.09 33.10
C PRO B 201 21.60 -15.53 34.25
N SER B 202 21.65 -16.83 34.54
CA SER B 202 21.02 -17.36 35.75
C SER B 202 21.60 -16.78 37.03
N SER B 203 22.74 -16.08 36.96
CA SER B 203 23.39 -15.54 38.14
C SER B 203 23.70 -14.06 38.00
N SER B 204 23.11 -13.39 37.02
CA SER B 204 23.07 -11.94 36.98
C SER B 204 21.88 -11.37 37.75
N LEU B 205 21.09 -12.24 38.39
CA LEU B 205 19.80 -11.82 38.90
C LEU B 205 19.95 -10.90 40.10
N GLY B 206 20.85 -11.24 41.01
CA GLY B 206 21.16 -10.40 42.14
C GLY B 206 22.37 -9.50 41.94
N THR B 207 22.83 -9.37 40.70
CA THR B 207 24.00 -8.56 40.37
C THR B 207 23.65 -7.11 40.08
N GLN B 208 22.47 -6.86 39.52
CA GLN B 208 22.20 -5.58 38.87
C GLN B 208 20.71 -5.33 38.80
N THR B 209 20.32 -4.08 39.06
CA THR B 209 18.91 -3.73 39.10
C THR B 209 18.35 -3.67 37.69
N TYR B 210 17.19 -4.30 37.50
CA TYR B 210 16.47 -4.26 36.23
C TYR B 210 15.25 -3.36 36.35
N ILE B 211 15.00 -2.58 35.30
CA ILE B 211 13.92 -1.60 35.27
C ILE B 211 13.44 -1.48 33.83
N CYS B 212 12.15 -1.70 33.59
CA CYS B 212 11.61 -1.61 32.25
C CYS B 212 11.04 -0.22 32.02
N ASN B 213 11.19 0.27 30.79
CA ASN B 213 10.84 1.65 30.42
C ASN B 213 9.77 1.58 29.34
N VAL B 214 8.52 1.71 29.75
CA VAL B 214 7.41 1.62 28.81
C VAL B 214 7.11 3.02 28.29
N ASN B 215 6.69 3.09 27.02
CA ASN B 215 6.34 4.35 26.37
C ASN B 215 5.02 4.15 25.67
N HIS B 216 4.05 4.99 25.99
CA HIS B 216 2.75 5.00 25.33
C HIS B 216 2.51 6.40 24.78
N LYS B 217 2.80 6.60 23.49
CA LYS B 217 2.55 7.90 22.86
C LYS B 217 1.10 8.36 22.94
N PRO B 218 0.11 7.62 22.41
CA PRO B 218 -1.23 8.23 22.24
C PRO B 218 -1.92 8.60 23.54
N SER B 219 -1.53 8.03 24.66
CA SER B 219 -2.10 8.40 25.94
C SER B 219 -1.19 9.27 26.77
N ASN B 220 0.02 9.58 26.27
CA ASN B 220 0.97 10.44 26.97
C ASN B 220 1.39 9.86 28.31
N THR B 221 1.58 8.55 28.35
CA THR B 221 1.98 7.88 29.58
C THR B 221 3.37 7.27 29.42
N LYS B 222 4.03 7.09 30.57
CA LYS B 222 5.44 6.71 30.68
C LYS B 222 5.68 6.26 32.11
N VAL B 223 6.54 5.25 32.28
CA VAL B 223 6.63 4.58 33.57
C VAL B 223 7.99 3.92 33.69
N ASP B 224 8.55 4.01 34.90
CA ASP B 224 9.71 3.23 35.32
C ASP B 224 9.27 2.28 36.42
N LYS B 225 9.57 0.99 36.26
CA LYS B 225 9.18 -0.01 37.24
C LYS B 225 10.36 -0.92 37.56
N LYS B 226 10.80 -0.88 38.81
CA LYS B 226 11.78 -1.84 39.32
C LYS B 226 11.25 -3.26 39.15
N VAL B 227 12.18 -4.22 39.01
CA VAL B 227 11.81 -5.62 38.87
C VAL B 227 12.75 -6.46 39.72
N GLU B 228 12.30 -6.82 40.93
CA GLU B 228 13.04 -7.68 41.84
C GLU B 228 12.08 -8.66 42.49
N PRO B 229 12.55 -9.86 42.85
CA PRO B 229 11.69 -10.87 43.47
C PRO B 229 11.36 -10.54 44.93
N GLU C 1 -6.87 -12.13 -8.96
CA GLU C 1 -7.12 -13.54 -9.19
C GLU C 1 -5.77 -14.29 -9.14
N LEU C 2 -4.96 -13.94 -8.14
CA LEU C 2 -3.58 -14.41 -8.08
C LEU C 2 -3.46 -15.50 -7.03
N THR C 3 -2.88 -16.64 -7.43
CA THR C 3 -2.73 -17.81 -6.58
C THR C 3 -1.24 -18.01 -6.31
N GLN C 4 -0.81 -17.72 -5.09
CA GLN C 4 0.57 -17.96 -4.70
C GLN C 4 0.72 -19.33 -4.06
N SER C 5 1.95 -19.86 -4.12
CA SER C 5 2.28 -21.12 -3.49
C SER C 5 3.79 -21.25 -3.41
N PRO C 6 4.35 -21.71 -2.28
CA PRO C 6 3.61 -22.20 -1.11
C PRO C 6 3.12 -21.07 -0.21
N GLY C 7 2.50 -21.41 0.91
CA GLY C 7 2.16 -20.43 1.91
C GLY C 7 3.39 -19.88 2.60
N THR C 8 4.18 -20.78 3.18
CA THR C 8 5.43 -20.42 3.83
C THR C 8 6.58 -21.20 3.21
N LEU C 9 7.78 -20.63 3.27
CA LEU C 9 9.00 -21.32 2.87
C LEU C 9 10.05 -21.14 3.96
N SER C 10 10.80 -22.21 4.22
CA SER C 10 11.84 -22.22 5.25
C SER C 10 13.09 -22.83 4.65
N LEU C 11 14.12 -21.99 4.47
CA LEU C 11 15.35 -22.40 3.81
C LEU C 11 16.54 -21.79 4.55
N SER C 12 17.70 -22.40 4.37
CA SER C 12 18.90 -21.87 5.00
C SER C 12 19.64 -20.95 4.04
N PRO C 13 20.28 -19.91 4.59
CA PRO C 13 21.05 -18.99 3.74
C PRO C 13 21.99 -19.72 2.79
N GLY C 14 22.04 -19.25 1.55
CA GLY C 14 22.70 -19.98 0.47
C GLY C 14 21.87 -21.01 -0.25
N GLU C 15 20.57 -21.07 -0.01
CA GLU C 15 19.67 -21.95 -0.75
C GLU C 15 18.90 -21.16 -1.81
N ARG C 16 18.15 -21.90 -2.63
CA ARG C 16 17.41 -21.32 -3.75
C ARG C 16 15.92 -21.30 -3.41
N ALA C 17 15.43 -20.11 -3.06
CA ALA C 17 14.01 -19.91 -2.79
C ALA C 17 13.23 -19.73 -4.10
N THR C 18 12.24 -20.58 -4.32
CA THR C 18 11.43 -20.56 -5.53
C THR C 18 9.97 -20.45 -5.14
N LEU C 19 9.28 -19.44 -5.67
CA LEU C 19 7.93 -19.08 -5.22
C LEU C 19 7.06 -18.75 -6.43
N SER C 20 5.92 -19.41 -6.54
CA SER C 20 5.05 -19.29 -7.71
C SER C 20 3.98 -18.24 -7.48
N CYS C 21 3.51 -17.65 -8.58
CA CYS C 21 2.38 -16.72 -8.57
C CYS C 21 1.54 -16.98 -9.81
N ARG C 22 0.35 -17.55 -9.63
CA ARG C 22 -0.47 -18.05 -10.72
C ARG C 22 -1.69 -17.15 -10.90
N ALA C 23 -2.35 -17.29 -12.05
CA ALA C 23 -3.55 -16.54 -12.36
C ALA C 23 -4.63 -17.47 -12.91
N GLY C 24 -5.86 -17.29 -12.44
CA GLY C 24 -6.98 -18.03 -13.01
C GLY C 24 -7.21 -17.69 -14.46
N GLN C 25 -7.34 -16.40 -14.76
CA GLN C 25 -7.42 -15.90 -16.11
C GLN C 25 -6.07 -15.32 -16.49
N THR C 26 -5.64 -15.55 -17.72
CA THR C 26 -4.26 -15.23 -18.09
C THR C 26 -4.01 -13.73 -17.97
N VAL C 27 -2.80 -13.39 -17.54
CA VAL C 27 -2.36 -12.00 -17.44
C VAL C 27 -1.49 -11.71 -18.65
N ALA C 28 -1.60 -10.51 -19.19
CA ALA C 28 -0.50 -9.95 -19.97
C ALA C 28 0.74 -9.87 -19.10
N SER C 29 1.80 -10.59 -19.50
CA SER C 29 3.02 -10.62 -18.69
C SER C 29 3.60 -9.23 -18.46
N ASN C 30 3.14 -8.23 -19.22
CA ASN C 30 3.53 -6.84 -19.02
C ASN C 30 3.41 -6.44 -17.54
N SER C 31 2.21 -6.60 -16.97
CA SER C 31 1.85 -5.99 -15.71
C SER C 31 1.84 -7.02 -14.57
N LEU C 32 3.01 -7.31 -14.01
CA LEU C 32 3.10 -8.17 -12.83
C LEU C 32 4.33 -7.81 -12.01
N ALA C 33 4.14 -7.62 -10.71
CA ALA C 33 5.23 -7.19 -9.84
C ALA C 33 5.42 -8.17 -8.68
N TRP C 34 6.52 -7.96 -7.96
CA TRP C 34 6.80 -8.64 -6.70
C TRP C 34 7.22 -7.59 -5.67
N TYR C 35 6.88 -7.85 -4.41
CA TYR C 35 7.21 -6.90 -3.35
C TYR C 35 7.77 -7.62 -2.14
N GLN C 36 8.72 -6.96 -1.47
CA GLN C 36 9.32 -7.44 -0.23
C GLN C 36 8.88 -6.52 0.91
N HIS C 37 8.07 -7.06 1.81
CA HIS C 37 7.48 -6.26 2.89
C HIS C 37 8.07 -6.70 4.22
N LYS C 38 8.63 -5.74 4.96
CA LYS C 38 9.18 -5.97 6.29
C LYS C 38 8.33 -5.26 7.33
N PRO C 39 7.97 -5.91 8.42
CA PRO C 39 7.11 -5.27 9.42
C PRO C 39 7.76 -4.01 9.98
N GLY C 40 6.96 -2.97 10.15
CA GLY C 40 7.45 -1.68 10.57
C GLY C 40 8.18 -0.91 9.48
N GLN C 41 8.21 -1.42 8.26
CA GLN C 41 8.76 -0.75 7.09
C GLN C 41 7.71 -0.66 6.00
N ALA C 42 8.06 -0.01 4.90
CA ALA C 42 7.14 0.07 3.77
C ALA C 42 7.50 -0.97 2.71
N PRO C 43 6.50 -1.55 2.06
CA PRO C 43 6.78 -2.56 1.03
C PRO C 43 7.74 -2.05 -0.03
N ARG C 44 8.63 -2.93 -0.48
CA ARG C 44 9.69 -2.58 -1.41
C ARG C 44 9.45 -3.27 -2.76
N LEU C 45 9.79 -2.57 -3.83
CA LEU C 45 9.59 -3.10 -5.18
C LEU C 45 10.84 -3.86 -5.63
N LEU C 46 10.65 -5.10 -6.06
CA LEU C 46 11.74 -5.95 -6.54
C LEU C 46 11.72 -6.15 -8.05
N ILE C 47 10.57 -6.47 -8.62
CA ILE C 47 10.43 -6.70 -10.06
C ILE C 47 9.30 -5.85 -10.59
N TYR C 48 9.57 -5.09 -11.66
CA TYR C 48 8.57 -4.28 -12.32
C TYR C 48 8.45 -4.76 -13.76
N GLY C 49 7.23 -4.88 -14.25
CA GLY C 49 7.03 -5.39 -15.60
C GLY C 49 7.22 -6.88 -15.64
N ALA C 50 7.97 -7.38 -16.62
CA ALA C 50 8.25 -8.81 -16.72
C ALA C 50 9.75 -9.02 -16.78
N SER C 51 10.26 -9.83 -15.85
CA SER C 51 11.68 -10.20 -15.80
C SER C 51 12.60 -8.98 -15.81
N ILE C 52 12.19 -7.92 -15.11
CA ILE C 52 12.98 -6.69 -15.01
C ILE C 52 13.19 -6.39 -13.54
N ARG C 53 14.43 -6.07 -13.18
CA ARG C 53 14.82 -5.78 -11.80
C ARG C 53 14.79 -4.28 -11.56
N ALA C 54 14.10 -3.86 -10.50
CA ALA C 54 14.02 -2.46 -10.14
C ALA C 54 15.37 -1.98 -9.59
N SER C 55 15.45 -0.68 -9.32
CA SER C 55 16.72 -0.04 -9.01
C SER C 55 16.96 -0.08 -7.51
N GLY C 56 18.13 -0.58 -7.12
CA GLY C 56 18.44 -0.82 -5.72
C GLY C 56 18.02 -2.21 -5.31
N ILE C 57 18.30 -3.17 -6.18
CA ILE C 57 17.84 -4.56 -6.02
C ILE C 57 19.00 -5.49 -6.34
N PRO C 58 19.50 -6.25 -5.38
CA PRO C 58 20.73 -7.04 -5.62
C PRO C 58 20.51 -8.10 -6.69
N ASP C 59 21.64 -8.57 -7.25
CA ASP C 59 21.59 -9.46 -8.40
C ASP C 59 20.91 -10.79 -8.08
N ARG C 60 20.87 -11.18 -6.80
CA ARG C 60 20.34 -12.50 -6.44
C ARG C 60 18.87 -12.62 -6.83
N PHE C 61 18.08 -11.58 -6.59
CA PHE C 61 16.67 -11.61 -6.93
C PHE C 61 16.50 -11.73 -8.44
N SER C 62 15.53 -12.54 -8.87
CA SER C 62 15.38 -12.83 -10.30
C SER C 62 13.91 -13.05 -10.61
N GLY C 63 13.37 -12.21 -11.49
CA GLY C 63 12.03 -12.42 -12.00
C GLY C 63 11.98 -13.45 -13.12
N SER C 64 10.80 -14.03 -13.32
CA SER C 64 10.59 -15.00 -14.38
C SER C 64 9.10 -15.14 -14.64
N GLY C 65 8.77 -15.80 -15.73
CA GLY C 65 7.41 -16.23 -15.98
C GLY C 65 6.79 -15.52 -17.17
N SER C 66 5.92 -16.25 -17.88
CA SER C 66 5.09 -15.69 -18.94
C SER C 66 3.74 -16.39 -18.93
N GLY C 67 2.72 -15.68 -19.41
CA GLY C 67 1.38 -16.24 -19.42
C GLY C 67 0.76 -16.20 -18.05
N THR C 68 0.18 -17.33 -17.62
CA THR C 68 -0.55 -17.37 -16.36
C THR C 68 0.38 -17.55 -15.17
N ASP C 69 1.47 -18.29 -15.33
CA ASP C 69 2.34 -18.67 -14.23
C ASP C 69 3.56 -17.77 -14.16
N PHE C 70 4.08 -17.60 -12.95
CA PHE C 70 5.18 -16.68 -12.69
C PHE C 70 5.95 -17.18 -11.47
N THR C 71 7.17 -16.69 -11.32
CA THR C 71 8.04 -17.15 -10.24
C THR C 71 9.07 -16.07 -9.92
N LEU C 72 9.24 -15.79 -8.65
CA LEU C 72 10.43 -15.12 -8.15
C LEU C 72 11.44 -16.16 -7.70
N THR C 73 12.72 -15.86 -7.89
CA THR C 73 13.78 -16.78 -7.50
C THR C 73 14.93 -16.01 -6.88
N ILE C 74 15.59 -16.65 -5.91
CA ILE C 74 16.80 -16.13 -5.28
C ILE C 74 17.78 -17.27 -5.16
N SER C 75 18.99 -17.09 -5.68
CA SER C 75 20.00 -18.13 -5.57
C SER C 75 20.84 -17.99 -4.31
N ARG C 76 21.43 -16.82 -4.10
CA ARG C 76 22.11 -16.50 -2.84
C ARG C 76 21.07 -15.95 -1.87
N LEU C 77 20.68 -16.75 -0.88
CA LEU C 77 19.83 -16.26 0.20
C LEU C 77 20.70 -15.56 1.23
N GLU C 78 20.67 -14.23 1.20
CA GLU C 78 21.29 -13.41 2.24
C GLU C 78 20.35 -13.36 3.45
N PRO C 79 20.78 -12.81 4.59
CA PRO C 79 19.96 -12.95 5.81
C PRO C 79 18.91 -11.87 6.00
N GLU C 80 18.86 -10.84 5.16
CA GLU C 80 17.76 -9.88 5.19
C GLU C 80 16.67 -10.18 4.18
N ASP C 81 16.83 -11.23 3.37
CA ASP C 81 15.89 -11.58 2.31
C ASP C 81 14.67 -12.34 2.82
N PHE C 82 14.46 -12.40 4.13
CA PHE C 82 13.48 -13.30 4.73
C PHE C 82 12.18 -12.60 5.09
N ALA C 83 11.81 -11.57 4.34
CA ALA C 83 10.54 -10.90 4.53
C ALA C 83 9.44 -11.63 3.75
N VAL C 84 8.22 -11.09 3.81
CA VAL C 84 7.06 -11.66 3.13
C VAL C 84 6.99 -11.08 1.71
N TYR C 85 6.72 -11.94 0.74
CA TYR C 85 6.81 -11.61 -0.68
C TYR C 85 5.43 -11.66 -1.32
N TYR C 86 4.89 -10.47 -1.62
CA TYR C 86 3.66 -10.36 -2.38
C TYR C 86 3.95 -10.22 -3.86
N CYS C 87 3.10 -10.81 -4.69
CA CYS C 87 3.06 -10.57 -6.12
C CYS C 87 1.77 -9.85 -6.49
N GLN C 88 1.80 -9.13 -7.60
CA GLN C 88 0.71 -8.23 -7.93
C GLN C 88 0.65 -7.98 -9.42
N GLN C 89 -0.57 -7.89 -9.95
CA GLN C 89 -0.84 -7.52 -11.33
C GLN C 89 -1.31 -6.07 -11.37
N TYR C 90 -1.06 -5.41 -12.50
CA TYR C 90 -1.46 -4.01 -12.65
C TYR C 90 -2.67 -3.93 -13.58
N GLY C 91 -3.28 -2.76 -13.61
CA GLY C 91 -4.40 -2.51 -14.50
C GLY C 91 -5.37 -1.46 -13.99
N SER C 94 -6.07 -4.30 -10.96
CA SER C 94 -4.97 -4.70 -10.09
C SER C 94 -5.45 -5.60 -8.96
N THR C 95 -4.65 -6.63 -8.66
CA THR C 95 -4.95 -7.56 -7.58
C THR C 95 -3.65 -8.11 -7.03
N PHE C 96 -3.70 -8.55 -5.79
CA PHE C 96 -2.57 -9.19 -5.12
C PHE C 96 -2.93 -10.64 -4.80
N GLY C 97 -1.95 -11.36 -4.25
CA GLY C 97 -2.19 -12.65 -3.64
C GLY C 97 -1.86 -12.57 -2.16
N GLN C 98 -2.32 -13.57 -1.42
CA GLN C 98 -1.81 -13.75 -0.07
C GLN C 98 -0.34 -14.10 -0.15
N GLY C 99 0.51 -13.23 0.40
CA GLY C 99 1.94 -13.37 0.24
C GLY C 99 2.46 -14.70 0.76
N THR C 100 3.71 -14.96 0.38
CA THR C 100 4.45 -16.11 0.90
C THR C 100 5.41 -15.62 1.97
N ARG C 101 5.58 -16.42 3.01
CA ARG C 101 6.53 -16.12 4.08
C ARG C 101 7.80 -16.91 3.84
N LEU C 102 8.93 -16.20 3.79
CA LEU C 102 10.23 -16.82 3.62
C LEU C 102 10.93 -16.83 4.97
N GLU C 103 11.31 -18.01 5.43
CA GLU C 103 11.71 -18.24 6.81
C GLU C 103 13.14 -18.76 6.85
N ILE C 104 13.74 -18.74 8.03
CA ILE C 104 15.12 -19.15 8.22
C ILE C 104 15.13 -20.56 8.78
N LYS C 105 15.47 -21.53 7.94
CA LYS C 105 15.71 -22.88 8.42
C LYS C 105 16.80 -22.87 9.49
N ARG C 106 16.48 -23.44 10.65
CA ARG C 106 17.46 -23.63 11.71
C ARG C 106 17.27 -25.04 12.26
N THR C 107 18.20 -25.48 13.09
CA THR C 107 18.04 -26.73 13.79
C THR C 107 17.05 -26.56 14.94
N VAL C 108 16.28 -27.62 15.20
CA VAL C 108 15.32 -27.58 16.30
C VAL C 108 16.02 -27.15 17.58
N ALA C 109 15.43 -26.20 18.28
CA ALA C 109 15.90 -25.78 19.59
C ALA C 109 14.71 -25.75 20.54
N ALA C 110 14.81 -26.49 21.64
CA ALA C 110 13.69 -26.60 22.55
C ALA C 110 13.45 -25.26 23.24
N PRO C 111 12.29 -25.08 23.86
CA PRO C 111 11.98 -23.78 24.47
C PRO C 111 12.50 -23.69 25.89
N SER C 112 13.40 -22.74 26.15
CA SER C 112 13.63 -22.32 27.53
C SER C 112 12.30 -21.86 28.10
N VAL C 113 11.90 -22.42 29.24
CA VAL C 113 10.53 -22.29 29.74
C VAL C 113 10.57 -21.71 31.13
N PHE C 114 9.73 -20.68 31.35
CA PHE C 114 9.66 -19.96 32.60
C PHE C 114 8.23 -19.48 32.79
N ILE C 115 7.77 -19.47 34.04
CA ILE C 115 6.40 -19.09 34.37
C ILE C 115 6.45 -18.11 35.52
N PHE C 116 5.61 -17.08 35.47
CA PHE C 116 5.75 -15.98 36.40
C PHE C 116 4.47 -15.84 37.22
N PRO C 117 4.58 -15.50 38.50
CA PRO C 117 3.39 -15.29 39.32
C PRO C 117 2.78 -13.92 39.05
N PRO C 118 1.46 -13.80 39.15
CA PRO C 118 0.86 -12.47 39.22
C PRO C 118 1.26 -11.78 40.51
N SER C 119 1.67 -10.52 40.40
CA SER C 119 2.29 -9.85 41.52
C SER C 119 1.24 -9.34 42.51
N ASP C 120 1.71 -8.93 43.68
CA ASP C 120 0.82 -8.37 44.69
C ASP C 120 0.20 -7.06 44.21
N GLU C 121 1.00 -6.21 43.57
CA GLU C 121 0.49 -4.97 42.99
C GLU C 121 -0.64 -5.23 42.00
N GLN C 122 -0.76 -6.44 41.46
CA GLN C 122 -1.86 -6.80 40.59
C GLN C 122 -2.99 -7.53 41.30
N LEU C 123 -2.69 -8.23 42.39
CA LEU C 123 -3.75 -8.88 43.16
C LEU C 123 -4.58 -7.86 43.91
N LYS C 124 -3.94 -6.86 44.51
CA LYS C 124 -4.65 -5.78 45.18
C LYS C 124 -5.50 -4.96 44.21
N SER C 125 -5.36 -5.18 42.90
CA SER C 125 -6.10 -4.43 41.89
C SER C 125 -7.33 -5.18 41.39
N GLY C 126 -7.49 -6.46 41.73
CA GLY C 126 -8.69 -7.20 41.44
C GLY C 126 -8.60 -8.14 40.26
N THR C 127 -7.60 -8.00 39.40
CA THR C 127 -7.40 -8.89 38.27
C THR C 127 -6.06 -9.61 38.41
N ALA C 128 -6.04 -10.88 38.03
CA ALA C 128 -4.85 -11.71 38.14
C ALA C 128 -4.50 -12.28 36.77
N SER C 129 -3.21 -12.49 36.54
CA SER C 129 -2.72 -12.92 35.23
C SER C 129 -1.40 -13.63 35.41
N VAL C 130 -1.33 -14.90 35.01
CA VAL C 130 -0.09 -15.66 35.00
C VAL C 130 0.47 -15.59 33.59
N VAL C 131 1.79 -15.71 33.47
CA VAL C 131 2.49 -15.55 32.19
C VAL C 131 3.52 -16.67 32.06
N CYS C 132 3.30 -17.58 31.13
CA CYS C 132 4.29 -18.59 30.82
C CYS C 132 5.14 -18.08 29.66
N LEU C 133 6.32 -18.66 29.49
CA LEU C 133 7.30 -18.05 28.59
C LEU C 133 8.13 -19.13 27.89
N LEU C 134 7.97 -19.23 26.57
CA LEU C 134 8.80 -20.06 25.73
C LEU C 134 9.83 -19.15 25.07
N ASN C 135 11.11 -19.36 25.39
CA ASN C 135 12.16 -18.38 25.11
C ASN C 135 13.19 -18.97 24.17
N ASN C 136 13.45 -18.27 23.06
CA ASN C 136 14.55 -18.57 22.15
C ASN C 136 14.50 -20.01 21.63
N PHE C 137 13.36 -20.33 21.01
CA PHE C 137 13.12 -21.68 20.50
C PHE C 137 12.85 -21.63 19.01
N TYR C 138 12.88 -22.79 18.38
CA TYR C 138 12.52 -22.95 16.98
C TYR C 138 12.09 -24.38 16.76
N PRO C 139 11.16 -24.65 15.82
CA PRO C 139 10.33 -23.70 15.05
C PRO C 139 9.17 -23.12 15.84
N ARG C 140 8.33 -22.33 15.16
CA ARG C 140 7.35 -21.50 15.85
C ARG C 140 6.28 -22.35 16.51
N GLU C 141 5.80 -23.36 15.80
CA GLU C 141 4.62 -24.11 16.22
C GLU C 141 4.83 -24.76 17.59
N ALA C 142 3.87 -24.54 18.48
CA ALA C 142 3.96 -25.00 19.86
C ALA C 142 2.55 -25.14 20.42
N LYS C 143 2.47 -25.54 21.69
CA LYS C 143 1.19 -25.70 22.36
C LYS C 143 1.42 -25.56 23.85
N VAL C 144 0.87 -24.51 24.45
CA VAL C 144 1.00 -24.25 25.88
C VAL C 144 -0.36 -24.54 26.51
N GLN C 145 -0.50 -25.70 27.11
CA GLN C 145 -1.70 -26.05 27.85
C GLN C 145 -1.56 -25.55 29.28
N TRP C 146 -2.60 -24.91 29.79
CA TRP C 146 -2.63 -24.42 31.16
C TRP C 146 -3.31 -25.45 32.05
N LYS C 147 -2.81 -25.59 33.27
CA LYS C 147 -3.44 -26.42 34.28
C LYS C 147 -3.47 -25.66 35.59
N VAL C 148 -4.68 -25.40 36.09
CA VAL C 148 -4.88 -24.79 37.40
C VAL C 148 -5.41 -25.87 38.33
N ASP C 149 -4.82 -25.97 39.53
CA ASP C 149 -5.17 -26.99 40.51
C ASP C 149 -5.29 -28.37 39.85
N ASN C 150 -4.24 -28.75 39.13
CA ASN C 150 -4.15 -30.05 38.46
C ASN C 150 -5.32 -30.29 37.51
N ALA C 151 -5.91 -29.21 37.00
CA ALA C 151 -7.10 -29.29 36.17
C ALA C 151 -6.93 -28.39 34.95
N LEU C 152 -7.41 -28.85 33.80
CA LEU C 152 -7.03 -28.29 32.52
C LEU C 152 -7.88 -27.07 32.20
N GLN C 153 -7.24 -25.91 32.10
CA GLN C 153 -7.94 -24.66 31.81
C GLN C 153 -8.16 -24.50 30.32
N SER C 154 -9.29 -23.87 29.97
CA SER C 154 -9.64 -23.66 28.57
C SER C 154 -10.37 -22.33 28.43
N GLY C 155 -10.14 -21.68 27.29
CA GLY C 155 -10.80 -20.43 26.97
C GLY C 155 -10.24 -19.19 27.63
N ASN C 156 -9.33 -19.34 28.60
CA ASN C 156 -8.84 -18.20 29.36
C ASN C 156 -7.55 -17.62 28.79
N SER C 157 -6.86 -18.36 27.92
CA SER C 157 -5.49 -18.02 27.57
C SER C 157 -5.44 -17.11 26.35
N GLN C 158 -4.23 -16.60 26.07
CA GLN C 158 -3.91 -15.89 24.84
C GLN C 158 -2.43 -16.14 24.56
N GLU C 159 -2.05 -16.11 23.28
CA GLU C 159 -0.69 -16.49 22.89
C GLU C 159 -0.15 -15.52 21.83
N SER C 160 0.67 -14.57 22.27
CA SER C 160 1.41 -13.70 21.36
C SER C 160 2.75 -14.32 21.02
N VAL C 161 3.11 -14.32 19.74
CA VAL C 161 4.35 -14.92 19.27
C VAL C 161 5.17 -13.84 18.56
N THR C 162 6.47 -13.82 18.85
CA THR C 162 7.32 -12.75 18.35
C THR C 162 7.72 -13.00 16.90
N GLU C 163 8.49 -12.08 16.35
CA GLU C 163 8.98 -12.18 14.98
C GLU C 163 10.29 -12.95 14.95
N GLN C 164 10.58 -13.52 13.78
CA GLN C 164 11.77 -14.33 13.62
C GLN C 164 13.03 -13.51 13.88
N ASP C 165 13.84 -13.96 14.84
CA ASP C 165 15.00 -13.21 15.27
C ASP C 165 16.02 -13.13 14.15
N SER C 166 16.58 -11.95 13.94
CA SER C 166 17.56 -11.77 12.87
C SER C 166 18.93 -12.31 13.24
N LYS C 167 19.29 -12.27 14.53
CA LYS C 167 20.63 -12.68 14.95
C LYS C 167 20.76 -14.20 15.09
N ASP C 168 19.93 -14.81 15.93
CA ASP C 168 20.02 -16.24 16.18
C ASP C 168 18.86 -17.05 15.61
N SER C 169 17.92 -16.40 14.92
CA SER C 169 16.85 -17.09 14.20
C SER C 169 16.06 -18.03 15.11
N THR C 170 15.67 -17.54 16.28
CA THR C 170 14.77 -18.27 17.16
C THR C 170 13.64 -17.36 17.62
N TYR C 171 12.42 -17.90 17.61
CA TYR C 171 11.25 -17.21 18.12
C TYR C 171 11.21 -17.24 19.64
N SER C 172 10.21 -16.55 20.20
CA SER C 172 9.86 -16.68 21.61
C SER C 172 8.35 -16.50 21.73
N LEU C 173 7.71 -17.40 22.49
CA LEU C 173 6.27 -17.39 22.68
C LEU C 173 5.97 -17.15 24.16
N SER C 174 4.91 -16.39 24.43
CA SER C 174 4.39 -16.23 25.78
C SER C 174 2.89 -16.49 25.78
N SER C 175 2.44 -17.30 26.72
CA SER C 175 1.02 -17.53 26.97
C SER C 175 0.62 -16.77 28.23
N THR C 176 -0.60 -16.25 28.24
CA THR C 176 -1.08 -15.43 29.35
C THR C 176 -2.45 -15.93 29.79
N LEU C 177 -2.50 -16.54 30.96
CA LEU C 177 -3.75 -16.95 31.59
C LEU C 177 -4.29 -15.80 32.42
N THR C 178 -5.59 -15.52 32.29
CA THR C 178 -6.22 -14.40 32.97
C THR C 178 -7.46 -14.90 33.71
N LEU C 179 -7.49 -14.67 35.02
CA LEU C 179 -8.57 -15.13 35.87
C LEU C 179 -8.86 -14.08 36.94
N SER C 180 -10.09 -14.10 37.44
CA SER C 180 -10.48 -13.24 38.56
C SER C 180 -9.61 -13.53 39.77
N LYS C 181 -9.48 -12.53 40.64
CA LYS C 181 -8.76 -12.71 41.90
C LYS C 181 -9.46 -13.75 42.78
N ALA C 182 -10.79 -13.64 42.91
CA ALA C 182 -11.55 -14.61 43.70
C ALA C 182 -11.24 -16.04 43.28
N ASP C 183 -11.42 -16.35 42.00
CA ASP C 183 -11.04 -17.66 41.48
C ASP C 183 -9.55 -17.92 41.62
N TYR C 184 -8.73 -16.87 41.64
CA TYR C 184 -7.29 -17.05 41.85
C TYR C 184 -6.99 -17.52 43.26
N GLU C 185 -7.53 -16.83 44.27
CA GLU C 185 -7.33 -17.20 45.66
C GLU C 185 -7.87 -18.59 46.00
N LYS C 186 -8.69 -19.18 45.13
CA LYS C 186 -9.41 -20.41 45.41
C LYS C 186 -8.81 -21.64 44.74
N HIS C 187 -7.63 -21.51 44.11
CA HIS C 187 -6.99 -22.65 43.47
C HIS C 187 -5.49 -22.58 43.65
N LYS C 188 -4.88 -23.75 43.91
CA LYS C 188 -3.51 -23.83 44.42
C LYS C 188 -2.46 -23.97 43.31
N VAL C 189 -2.59 -24.98 42.45
CA VAL C 189 -1.48 -25.51 41.67
C VAL C 189 -1.52 -24.90 40.27
N TYR C 190 -0.83 -23.77 40.11
CA TYR C 190 -0.84 -23.00 38.86
C TYR C 190 0.29 -23.48 37.97
N ALA C 191 0.00 -24.47 37.12
CA ALA C 191 0.99 -25.08 36.25
C ALA C 191 0.84 -24.60 34.81
N CYS C 192 1.88 -24.90 34.02
CA CYS C 192 1.95 -24.52 32.61
C CYS C 192 2.72 -25.61 31.89
N GLU C 193 2.20 -26.05 30.74
CA GLU C 193 2.69 -27.26 30.08
C GLU C 193 3.07 -26.93 28.64
N VAL C 194 4.32 -27.19 28.28
CA VAL C 194 4.84 -26.96 26.94
C VAL C 194 5.04 -28.30 26.26
N THR C 195 4.53 -28.44 25.04
CA THR C 195 4.65 -29.66 24.25
C THR C 195 5.29 -29.30 22.92
N HIS C 196 6.62 -29.22 22.92
CA HIS C 196 7.39 -28.72 21.78
C HIS C 196 8.13 -29.86 21.10
N GLN C 197 8.47 -29.64 19.83
CA GLN C 197 9.08 -30.67 19.00
C GLN C 197 10.52 -30.96 19.37
N GLY C 198 11.21 -30.02 20.01
CA GLY C 198 12.53 -30.26 20.54
C GLY C 198 12.59 -30.92 21.89
N LEU C 199 11.44 -31.32 22.42
CA LEU C 199 11.32 -31.79 23.79
C LEU C 199 10.97 -33.28 23.79
N SER C 200 11.70 -34.07 24.57
CA SER C 200 11.44 -35.49 24.62
C SER C 200 10.17 -35.77 25.42
N SER C 201 10.14 -35.34 26.67
CA SER C 201 8.88 -35.20 27.38
C SER C 201 8.45 -33.74 27.38
N PRO C 202 7.16 -33.48 27.56
CA PRO C 202 6.73 -32.08 27.74
C PRO C 202 7.30 -31.48 29.01
N VAL C 203 7.75 -30.23 28.92
CA VAL C 203 8.21 -29.51 30.09
C VAL C 203 7.01 -28.92 30.81
N THR C 204 7.10 -28.85 32.14
CA THR C 204 6.13 -28.10 32.93
C THR C 204 6.86 -27.41 34.07
N LYS C 205 6.92 -26.09 34.01
CA LYS C 205 7.28 -25.27 35.16
C LYS C 205 5.99 -24.78 35.81
N SER C 206 6.05 -24.54 37.12
CA SER C 206 4.86 -24.17 37.86
C SER C 206 5.25 -23.43 39.12
N PHE C 207 4.25 -23.11 39.93
CA PHE C 207 4.42 -22.46 41.23
C PHE C 207 3.11 -22.57 41.99
N ASN C 208 3.20 -22.65 43.30
CA ASN C 208 2.04 -22.73 44.17
C ASN C 208 1.76 -21.37 44.81
N ARG C 209 0.49 -20.99 44.81
CA ARG C 209 0.07 -19.65 45.23
C ARG C 209 0.52 -19.32 46.65
C1 NAG D . -2.74 6.96 -34.94
C2 NAG D . -3.08 5.47 -34.83
C3 NAG D . -2.02 4.62 -35.54
C4 NAG D . -1.75 5.13 -36.95
C5 NAG D . -1.50 6.64 -36.93
C6 NAG D . -1.38 7.25 -38.30
C7 NAG D . -4.12 4.15 -33.04
C8 NAG D . -4.14 3.84 -31.58
N2 NAG D . -3.22 5.05 -33.44
O3 NAG D . -2.44 3.27 -35.59
O4 NAG D . -0.62 4.47 -37.49
O5 NAG D . -2.61 7.31 -36.29
O6 NAG D . -1.78 8.62 -38.31
O7 NAG D . -4.88 3.59 -33.82
C1 NAG D . -0.88 3.93 -38.81
C2 NAG D . 0.41 4.08 -39.62
C3 NAG D . 0.23 3.50 -41.03
C4 NAG D . -0.37 2.10 -40.98
C5 NAG D . -1.62 2.08 -40.09
C6 NAG D . -2.19 0.70 -39.90
C7 NAG D . 1.99 5.90 -39.16
C8 NAG D . 2.28 7.36 -39.31
N2 NAG D . 0.84 5.46 -39.70
O3 NAG D . 1.47 3.46 -41.70
O4 NAG D . -0.74 1.68 -42.29
O5 NAG D . -1.28 2.57 -38.79
O6 NAG D . -1.87 0.17 -38.61
O7 NAG D . 2.77 5.15 -38.57
#